data_1ZK1
#
_entry.id   1ZK1
#
_cell.length_a   55.849
_cell.length_b   79.806
_cell.length_c   112.622
_cell.angle_alpha   90.00
_cell.angle_beta   90.00
_cell.angle_gamma   90.00
#
_symmetry.space_group_name_H-M   'I 2 2 2'
#
loop_
_entity.id
_entity.type
_entity.pdbx_description
1 polymer 'R-specific alcohol dehydrogenase'
2 non-polymer 'MAGNESIUM ION'
3 non-polymer NICOTINAMIDE-ADENINE-DINUCLEOTIDE
4 non-polymer 1-PHENYLETHANONE
5 water water
#
_entity_poly.entity_id   1
_entity_poly.type   'polypeptide(L)'
_entity_poly.pdbx_seq_one_letter_code
;SNRLDGKVAIITGGTLGIGLAIATKFVEEGAKVMITDRHSDVGEKAAKSVGTPDQIQFFQHDSSDEDGWTKLFDATEKAF
GPVSTLVNNAGIAVNKSVEETTTAEWRKLLAVNLDGVFFGTRLGIQRMKNKGLGASIINMSSIEGFVGDPSLGAYNASKG
AVRIMSKSAALDCALKDYDVRVNTVHPGYIKTPLVDDLPGAEEAMSQRTKTPMGHIGEPNDIAYICVYLASNESKFATGS
EFVVDGGYTAQ
;
_entity_poly.pdbx_strand_id   A
#
loop_
_chem_comp.id
_chem_comp.type
_chem_comp.name
_chem_comp.formula
AC0 non-polymer 1-PHENYLETHANONE 'C8 H8 O'
MG non-polymer 'MAGNESIUM ION' 'Mg 2'
NAD non-polymer NICOTINAMIDE-ADENINE-DINUCLEOTIDE 'C21 H27 N7 O14 P2'
#
# COMPACT_ATOMS: atom_id res chain seq x y z
N SER A 1 18.13 -7.27 -8.62
CA SER A 1 18.06 -8.75 -8.40
C SER A 1 18.37 -9.13 -6.96
N ASN A 2 17.58 -10.11 -6.48
CA ASN A 2 17.79 -10.80 -5.23
C ASN A 2 17.55 -9.98 -3.98
N ARG A 3 16.98 -8.77 -4.13
CA ARG A 3 16.94 -7.86 -2.98
C ARG A 3 15.88 -8.28 -1.96
N LEU A 4 14.96 -9.16 -2.38
CA LEU A 4 13.84 -9.67 -1.56
C LEU A 4 13.86 -11.19 -1.46
N ASP A 5 15.05 -11.77 -1.51
CA ASP A 5 15.14 -13.23 -1.49
C ASP A 5 14.52 -13.82 -0.25
N GLY A 6 13.69 -14.87 -0.47
CA GLY A 6 13.00 -15.54 0.59
C GLY A 6 11.76 -14.83 1.16
N LYS A 7 11.51 -13.58 0.76
CA LYS A 7 10.38 -12.88 1.28
C LYS A 7 9.08 -13.39 0.66
N VAL A 8 8.00 -13.24 1.43
CA VAL A 8 6.65 -13.67 1.03
C VAL A 8 5.75 -12.45 1.36
N ALA A 9 5.21 -11.82 0.32
CA ALA A 9 4.48 -10.59 0.46
C ALA A 9 3.02 -10.73 0.06
N ILE A 10 2.19 -10.07 0.85
CA ILE A 10 0.81 -9.71 0.45
C ILE A 10 0.73 -8.24 0.05
N ILE A 11 0.13 -7.99 -1.11
CA ILE A 11 -0.09 -6.63 -1.56
C ILE A 11 -1.55 -6.43 -1.85
N THR A 12 -2.23 -5.60 -1.04
CA THR A 12 -3.64 -5.36 -1.27
C THR A 12 -3.84 -4.35 -2.39
N GLY A 13 -4.89 -4.56 -3.20
CA GLY A 13 -5.02 -3.81 -4.40
C GLY A 13 -3.80 -3.89 -5.31
N GLY A 14 -3.26 -5.10 -5.41
CA GLY A 14 -2.10 -5.40 -6.22
C GLY A 14 -2.28 -5.70 -7.68
N THR A 15 -3.47 -5.44 -8.23
CA THR A 15 -3.80 -5.86 -9.60
C THR A 15 -3.74 -4.77 -10.61
N LEU A 16 -3.61 -3.53 -10.16
CA LEU A 16 -3.59 -2.35 -10.99
C LEU A 16 -2.56 -1.33 -10.53
N GLY A 17 -2.09 -0.51 -11.45
CA GLY A 17 -1.35 0.71 -11.14
C GLY A 17 -0.21 0.50 -10.16
N ILE A 18 -0.20 1.29 -9.11
CA ILE A 18 0.90 1.25 -8.12
C ILE A 18 1.03 -0.15 -7.53
N GLY A 19 -0.08 -0.73 -7.13
CA GLY A 19 -0.03 -2.08 -6.53
C GLY A 19 0.57 -3.11 -7.46
N LEU A 20 0.21 -3.07 -8.74
CA LEU A 20 0.73 -4.01 -9.75
C LEU A 20 2.23 -3.83 -9.96
N ALA A 21 2.73 -2.57 -10.01
CA ALA A 21 4.13 -2.32 -10.13
C ALA A 21 4.88 -2.84 -8.91
N ILE A 22 4.31 -2.60 -7.72
CA ILE A 22 4.96 -3.11 -6.52
C ILE A 22 5.08 -4.66 -6.65
N ALA A 23 4.01 -5.31 -7.08
CA ALA A 23 4.05 -6.80 -7.24
C ALA A 23 5.08 -7.24 -8.26
N THR A 24 5.13 -6.49 -9.36
CA THR A 24 6.04 -6.82 -10.46
C THR A 24 7.49 -6.75 -9.99
N LYS A 25 7.85 -5.66 -9.33
CA LYS A 25 9.21 -5.48 -8.87
C LYS A 25 9.52 -6.40 -7.73
N PHE A 26 8.51 -6.69 -6.89
CA PHE A 26 8.74 -7.62 -5.84
C PHE A 26 9.16 -9.01 -6.39
N VAL A 27 8.40 -9.47 -7.36
CA VAL A 27 8.68 -10.76 -8.01
C VAL A 27 10.07 -10.72 -8.62
N GLU A 28 10.37 -9.64 -9.34
CA GLU A 28 11.67 -9.48 -9.99
C GLU A 28 12.83 -9.56 -9.01
N GLU A 29 12.60 -9.14 -7.75
CA GLU A 29 13.60 -9.21 -6.67
C GLU A 29 13.64 -10.46 -5.83
N GLY A 30 12.84 -11.46 -6.21
CA GLY A 30 12.83 -12.73 -5.54
C GLY A 30 11.73 -13.01 -4.53
N ALA A 31 10.79 -12.10 -4.34
CA ALA A 31 9.71 -12.29 -3.39
C ALA A 31 8.63 -13.13 -4.02
N LYS A 32 7.93 -13.91 -3.20
CA LYS A 32 6.71 -14.57 -3.60
C LYS A 32 5.62 -13.59 -3.25
N VAL A 33 4.56 -13.51 -4.06
CA VAL A 33 3.59 -12.42 -3.90
C VAL A 33 2.14 -12.95 -4.00
N MET A 34 1.28 -12.55 -3.06
CA MET A 34 -0.17 -12.65 -3.21
C MET A 34 -0.78 -11.27 -3.38
N ILE A 35 -1.43 -11.04 -4.50
CA ILE A 35 -2.08 -9.77 -4.76
C ILE A 35 -3.57 -9.94 -4.52
N THR A 36 -4.21 -8.87 -4.09
CA THR A 36 -5.66 -8.89 -3.87
C THR A 36 -6.41 -7.80 -4.60
N ASP A 37 -7.70 -8.02 -4.75
CA ASP A 37 -8.62 -7.05 -5.31
C ASP A 37 -10.01 -7.60 -5.04
N ARG A 38 -10.97 -6.69 -4.91
CA ARG A 38 -12.36 -7.09 -4.66
C ARG A 38 -12.93 -7.86 -5.88
N HIS A 39 -12.39 -7.60 -7.06
CA HIS A 39 -12.89 -8.11 -8.35
C HIS A 39 -11.99 -9.22 -8.92
N SER A 40 -12.57 -10.40 -9.14
CA SER A 40 -11.78 -11.52 -9.64
C SER A 40 -11.36 -11.38 -11.10
N ASP A 41 -12.14 -10.67 -11.89
CA ASP A 41 -11.85 -10.65 -13.29
C ASP A 41 -10.49 -9.99 -13.57
N VAL A 42 -10.15 -9.02 -12.72
CA VAL A 42 -8.94 -8.20 -12.82
C VAL A 42 -7.76 -9.01 -12.27
N GLY A 43 -7.95 -9.54 -11.04
CA GLY A 43 -6.85 -10.20 -10.34
C GLY A 43 -6.25 -11.42 -11.02
N GLU A 44 -7.11 -12.26 -11.58
CA GLU A 44 -6.62 -13.46 -12.27
C GLU A 44 -5.65 -13.13 -13.43
N LYS A 45 -6.07 -12.20 -14.26
CA LYS A 45 -5.25 -11.76 -15.40
C LYS A 45 -3.91 -11.11 -14.94
N ALA A 46 -4.05 -10.27 -13.93
CA ALA A 46 -2.94 -9.48 -13.40
C ALA A 46 -1.80 -10.37 -12.94
N ALA A 47 -2.10 -11.37 -12.09
CA ALA A 47 -1.06 -12.29 -11.63
C ALA A 47 -0.32 -12.92 -12.78
N LYS A 48 -1.07 -13.45 -13.74
CA LYS A 48 -0.45 -14.15 -14.84
C LYS A 48 0.45 -13.20 -15.64
N SER A 49 0.03 -11.94 -15.74
CA SER A 49 0.80 -10.93 -16.48
C SER A 49 2.16 -10.71 -15.86
N VAL A 50 2.29 -10.94 -14.55
CA VAL A 50 3.55 -10.77 -13.86
C VAL A 50 4.44 -11.97 -13.80
N GLY A 51 3.84 -13.12 -13.60
CA GLY A 51 4.62 -14.32 -13.45
C GLY A 51 3.79 -15.55 -13.29
N THR A 52 4.47 -16.63 -12.89
CA THR A 52 3.83 -17.94 -12.76
C THR A 52 3.27 -18.11 -11.35
N PRO A 53 2.41 -19.10 -11.13
CA PRO A 53 1.85 -19.34 -9.78
C PRO A 53 2.85 -19.60 -8.71
N ASP A 54 4.05 -20.10 -9.05
CA ASP A 54 5.06 -20.29 -8.06
C ASP A 54 5.71 -18.98 -7.58
N GLN A 55 5.47 -17.92 -8.33
CA GLN A 55 5.95 -16.60 -8.03
C GLN A 55 4.87 -15.68 -7.46
N ILE A 56 3.68 -15.76 -8.04
CA ILE A 56 2.63 -14.79 -7.76
C ILE A 56 1.27 -15.38 -8.00
N GLN A 57 0.41 -15.21 -7.02
CA GLN A 57 -1.00 -15.58 -7.09
C GLN A 57 -1.95 -14.39 -6.72
N PHE A 58 -3.22 -14.60 -7.04
CA PHE A 58 -4.33 -13.72 -6.72
C PHE A 58 -5.24 -14.34 -5.68
N PHE A 59 -5.73 -13.51 -4.77
CA PHE A 59 -6.73 -13.88 -3.81
C PHE A 59 -7.81 -12.79 -3.76
N GLN A 60 -9.07 -13.13 -4.07
CA GLN A 60 -10.13 -12.12 -4.06
C GLN A 60 -10.46 -11.70 -2.66
N HIS A 61 -10.40 -10.38 -2.44
CA HIS A 61 -10.58 -9.84 -1.06
C HIS A 61 -10.80 -8.34 -1.12
N ASP A 62 -11.79 -7.89 -0.36
CA ASP A 62 -12.03 -6.49 -0.10
C ASP A 62 -11.37 -6.18 1.22
N SER A 63 -10.44 -5.23 1.23
CA SER A 63 -9.62 -5.01 2.44
C SER A 63 -10.47 -4.55 3.60
N SER A 64 -11.69 -4.07 3.33
CA SER A 64 -12.61 -3.71 4.40
C SER A 64 -13.23 -4.92 5.17
N ASP A 65 -13.05 -6.13 4.62
CA ASP A 65 -13.56 -7.43 5.12
C ASP A 65 -12.63 -8.10 6.12
N GLU A 66 -12.96 -7.90 7.41
CA GLU A 66 -12.13 -8.39 8.51
C GLU A 66 -11.90 -9.88 8.43
N ASP A 67 -12.99 -10.65 8.34
CA ASP A 67 -12.79 -12.09 8.39
C ASP A 67 -11.99 -12.59 7.18
N GLY A 68 -12.14 -11.93 6.04
CA GLY A 68 -11.40 -12.33 4.87
C GLY A 68 -9.89 -12.16 4.99
N TRP A 69 -9.45 -11.26 5.87
CA TRP A 69 -8.02 -11.05 6.09
C TRP A 69 -7.34 -12.30 6.62
N THR A 70 -8.00 -13.01 7.53
CA THR A 70 -7.47 -14.26 7.99
C THR A 70 -7.30 -15.28 6.86
N LYS A 71 -8.37 -15.43 6.09
CA LYS A 71 -8.37 -16.34 4.90
C LYS A 71 -7.24 -16.00 3.95
N LEU A 72 -7.00 -14.70 3.81
CA LEU A 72 -5.95 -14.21 2.92
C LEU A 72 -4.59 -14.62 3.42
N PHE A 73 -4.34 -14.41 4.72
CA PHE A 73 -3.05 -14.85 5.25
C PHE A 73 -2.87 -16.37 5.14
N ASP A 74 -3.95 -17.08 5.42
CA ASP A 74 -3.85 -18.52 5.37
C ASP A 74 -3.54 -19.03 3.98
N ALA A 75 -4.19 -18.45 2.98
CA ALA A 75 -3.96 -18.81 1.57
C ALA A 75 -2.55 -18.50 1.13
N THR A 76 -2.02 -17.37 1.58
CA THR A 76 -0.65 -16.99 1.22
C THR A 76 0.35 -17.94 1.80
N GLU A 77 0.16 -18.27 3.07
CA GLU A 77 1.06 -19.17 3.76
C GLU A 77 0.99 -20.55 3.11
N LYS A 78 -0.22 -20.96 2.73
CA LYS A 78 -0.37 -22.26 2.02
C LYS A 78 0.41 -22.33 0.72
N ALA A 79 0.43 -21.21 0.00
CA ALA A 79 1.04 -21.12 -1.31
C ALA A 79 2.55 -21.01 -1.17
N PHE A 80 3.03 -20.25 -0.19
CA PHE A 80 4.41 -19.74 -0.24
C PHE A 80 5.20 -19.85 1.07
N GLY A 81 4.56 -20.31 2.13
CA GLY A 81 5.14 -20.28 3.45
C GLY A 81 4.85 -18.98 4.19
N PRO A 82 5.32 -18.89 5.44
CA PRO A 82 4.95 -17.79 6.31
C PRO A 82 5.17 -16.42 5.63
N VAL A 83 4.17 -15.54 5.84
CA VAL A 83 4.22 -14.19 5.28
C VAL A 83 5.29 -13.32 6.00
N SER A 84 6.15 -12.65 5.25
CA SER A 84 7.12 -11.74 5.86
C SER A 84 6.79 -10.23 5.63
N THR A 85 5.88 -9.95 4.72
CA THR A 85 5.76 -8.62 4.14
C THR A 85 4.32 -8.32 3.78
N LEU A 86 3.83 -7.16 4.24
CA LEU A 86 2.48 -6.73 3.93
C LEU A 86 2.50 -5.30 3.41
N VAL A 87 1.95 -5.09 2.22
CA VAL A 87 1.78 -3.75 1.68
C VAL A 87 0.30 -3.46 1.64
N ASN A 88 -0.14 -2.58 2.54
CA ASN A 88 -1.58 -2.17 2.60
C ASN A 88 -1.74 -1.04 1.60
N ASN A 89 -2.11 -1.41 0.39
CA ASN A 89 -2.14 -0.48 -0.73
C ASN A 89 -3.56 -0.19 -1.20
N ALA A 90 -4.52 -1.05 -0.89
CA ALA A 90 -5.91 -0.83 -1.43
C ALA A 90 -6.45 0.45 -0.83
N GLY A 91 -7.14 1.23 -1.64
CA GLY A 91 -7.71 2.49 -1.17
C GLY A 91 -8.72 2.99 -2.16
N ILE A 92 -9.63 3.82 -1.68
CA ILE A 92 -10.58 4.51 -2.56
C ILE A 92 -10.59 6.00 -2.17
N ALA A 93 -11.13 6.81 -3.06
CA ALA A 93 -11.27 8.22 -2.82
C ALA A 93 -12.74 8.61 -3.04
N VAL A 94 -13.17 9.60 -2.30
CA VAL A 94 -14.44 10.31 -2.49
C VAL A 94 -14.03 11.73 -2.80
N ASN A 95 -14.62 12.29 -3.82
CA ASN A 95 -14.26 13.62 -4.25
C ASN A 95 -15.27 14.60 -3.67
N LYS A 96 -15.16 14.80 -2.36
CA LYS A 96 -16.02 15.68 -1.60
C LYS A 96 -15.24 16.45 -0.56
N SER A 97 -15.64 17.69 -0.31
CA SER A 97 -15.21 18.44 0.89
C SER A 97 -15.76 17.79 2.12
N VAL A 98 -15.17 18.09 3.25
CA VAL A 98 -15.73 17.69 4.54
C VAL A 98 -17.20 18.11 4.61
N GLU A 99 -17.48 19.36 4.25
CA GLU A 99 -18.84 19.91 4.29
C GLU A 99 -19.81 19.03 3.54
N GLU A 100 -19.35 18.54 2.38
CA GLU A 100 -20.25 17.84 1.48
C GLU A 100 -20.17 16.28 1.48
N THR A 101 -19.45 15.71 2.44
CA THR A 101 -19.31 14.30 2.57
C THR A 101 -20.53 13.72 3.25
N THR A 102 -21.22 12.80 2.60
CA THR A 102 -22.29 12.10 3.24
C THR A 102 -21.75 11.15 4.29
N THR A 103 -22.58 10.79 5.25
CA THR A 103 -22.13 9.82 6.24
C THR A 103 -21.87 8.45 5.59
N ALA A 104 -22.66 8.09 4.57
CA ALA A 104 -22.42 6.83 3.89
C ALA A 104 -21.05 6.84 3.17
N GLU A 105 -20.71 7.96 2.54
CA GLU A 105 -19.41 8.08 1.87
C GLU A 105 -18.29 7.98 2.92
N TRP A 106 -18.44 8.72 3.98
CA TRP A 106 -17.54 8.69 5.11
C TRP A 106 -17.25 7.28 5.61
N ARG A 107 -18.30 6.52 5.90
CA ARG A 107 -18.16 5.16 6.44
C ARG A 107 -17.52 4.22 5.41
N LYS A 108 -17.93 4.36 4.17
CA LYS A 108 -17.39 3.54 3.08
C LYS A 108 -15.89 3.75 2.87
N LEU A 109 -15.46 5.00 2.88
CA LEU A 109 -14.03 5.27 2.70
C LEU A 109 -13.20 4.81 3.89
N LEU A 110 -13.71 5.08 5.09
CA LEU A 110 -12.99 4.69 6.28
C LEU A 110 -12.92 3.17 6.38
N ALA A 111 -13.94 2.49 5.87
CA ALA A 111 -13.86 1.02 5.93
C ALA A 111 -12.67 0.45 5.14
N VAL A 112 -12.44 0.97 3.93
CA VAL A 112 -11.32 0.49 3.13
C VAL A 112 -9.99 1.07 3.58
N ASN A 113 -9.97 2.42 3.71
CA ASN A 113 -8.69 3.14 3.80
C ASN A 113 -8.17 3.11 5.24
N LEU A 114 -9.03 2.90 6.23
CA LEU A 114 -8.61 2.99 7.61
C LEU A 114 -8.83 1.68 8.30
N ASP A 115 -10.08 1.22 8.42
CA ASP A 115 -10.30 -0.11 9.02
C ASP A 115 -9.46 -1.20 8.32
N GLY A 116 -9.42 -1.16 7.00
CA GLY A 116 -8.71 -2.18 6.25
C GLY A 116 -7.20 -2.22 6.53
N VAL A 117 -6.59 -1.04 6.70
CA VAL A 117 -5.19 -0.94 7.03
C VAL A 117 -4.98 -1.37 8.47
N PHE A 118 -5.93 -1.01 9.36
CA PHE A 118 -5.88 -1.48 10.76
C PHE A 118 -5.95 -3.04 10.80
N PHE A 119 -6.92 -3.63 10.11
CA PHE A 119 -7.10 -5.08 10.14
C PHE A 119 -5.84 -5.77 9.64
N GLY A 120 -5.28 -5.24 8.57
CA GLY A 120 -4.10 -5.82 7.99
C GLY A 120 -2.86 -5.64 8.83
N THR A 121 -2.69 -4.43 9.40
CA THR A 121 -1.56 -4.18 10.30
C THR A 121 -1.65 -5.07 11.54
N ARG A 122 -2.80 -5.06 12.19
CA ARG A 122 -2.99 -5.88 13.43
C ARG A 122 -2.65 -7.36 13.13
N LEU A 123 -3.27 -7.88 12.06
CA LEU A 123 -3.06 -9.34 11.77
C LEU A 123 -1.65 -9.59 11.38
N GLY A 124 -1.08 -8.71 10.57
CA GLY A 124 0.30 -8.83 10.18
C GLY A 124 1.24 -8.91 11.34
N ILE A 125 1.05 -8.08 12.35
CA ILE A 125 1.92 -8.11 13.50
C ILE A 125 1.77 -9.44 14.17
N GLN A 126 0.54 -9.88 14.34
CA GLN A 126 0.28 -11.17 15.08
C GLN A 126 0.92 -12.36 14.36
N ARG A 127 0.86 -12.35 13.04
CA ARG A 127 1.32 -13.49 12.21
C ARG A 127 2.80 -13.44 11.91
N MET A 128 3.39 -12.24 11.89
CA MET A 128 4.80 -12.09 11.49
C MET A 128 5.80 -11.94 12.65
N LYS A 129 5.33 -11.62 13.83
CA LYS A 129 6.22 -11.32 14.96
C LYS A 129 6.98 -12.61 15.39
N ASN A 130 8.20 -12.40 15.82
CA ASN A 130 9.01 -13.40 16.53
C ASN A 130 9.35 -14.60 15.65
N LYS A 131 9.45 -14.40 14.35
CA LYS A 131 9.74 -15.50 13.42
C LYS A 131 11.07 -15.36 12.68
N GLY A 132 11.82 -14.32 12.95
CA GLY A 132 13.09 -14.09 12.28
C GLY A 132 12.97 -13.86 10.78
N LEU A 133 11.83 -13.28 10.36
CA LEU A 133 11.59 -13.09 8.93
C LEU A 133 12.11 -11.76 8.37
N GLY A 134 12.50 -10.84 9.25
CA GLY A 134 12.80 -9.47 8.85
C GLY A 134 11.50 -8.86 8.28
N ALA A 135 10.44 -8.96 9.05
CA ALA A 135 9.05 -8.69 8.64
C ALA A 135 8.92 -7.15 8.49
N SER A 136 8.14 -6.77 7.50
CA SER A 136 7.94 -5.37 7.18
C SER A 136 6.51 -5.15 6.74
N ILE A 137 5.87 -4.18 7.36
CA ILE A 137 4.48 -3.72 7.01
C ILE A 137 4.62 -2.33 6.41
N ILE A 138 4.15 -2.16 5.18
CA ILE A 138 4.30 -0.88 4.48
C ILE A 138 2.88 -0.38 4.22
N ASN A 139 2.52 0.73 4.83
CA ASN A 139 1.18 1.28 4.74
C ASN A 139 1.18 2.48 3.80
N MET A 140 0.37 2.38 2.75
CA MET A 140 0.26 3.49 1.79
C MET A 140 -0.53 4.63 2.40
N SER A 141 0.07 5.84 2.52
CA SER A 141 -0.43 6.92 3.36
C SER A 141 -0.51 8.33 2.82
N SER A 142 -0.15 8.52 1.52
CA SER A 142 -0.38 9.65 0.58
C SER A 142 0.25 10.99 0.93
N ILE A 143 0.49 11.83 -0.07
CA ILE A 143 0.72 13.22 0.23
C ILE A 143 -0.42 13.80 1.08
N GLU A 144 -1.59 13.22 0.94
CA GLU A 144 -2.79 13.64 1.66
C GLU A 144 -2.78 13.20 3.10
N GLY A 145 -1.68 12.57 3.53
CA GLY A 145 -1.46 12.35 4.97
C GLY A 145 -0.65 13.45 5.61
N PHE A 146 -0.14 14.38 4.81
CA PHE A 146 0.67 15.52 5.24
C PHE A 146 -0.04 16.86 5.05
N VAL A 147 -0.68 17.04 3.92
CA VAL A 147 -1.41 18.26 3.64
C VAL A 147 -2.88 17.93 3.37
N GLY A 148 -3.75 18.93 3.58
CA GLY A 148 -5.13 18.79 3.22
C GLY A 148 -5.40 19.11 1.78
N ASP A 149 -6.56 18.69 1.31
CA ASP A 149 -7.08 19.08 -0.01
C ASP A 149 -8.54 19.35 0.24
N PRO A 150 -9.02 20.50 -0.22
CA PRO A 150 -10.37 20.92 0.06
C PRO A 150 -11.44 19.93 -0.40
N SER A 151 -11.13 19.10 -1.44
CA SER A 151 -12.11 18.19 -1.99
C SER A 151 -11.79 16.72 -1.70
N LEU A 152 -11.02 16.49 -0.64
CA LEU A 152 -10.64 15.11 -0.22
C LEU A 152 -10.77 14.91 1.27
N GLY A 153 -11.83 15.44 1.83
CA GLY A 153 -11.99 15.50 3.27
C GLY A 153 -11.86 14.13 3.98
N ALA A 154 -12.65 13.15 3.58
CA ALA A 154 -12.60 11.82 4.19
C ALA A 154 -11.29 11.13 3.86
N TYR A 155 -10.81 11.31 2.65
CA TYR A 155 -9.50 10.77 2.30
C TYR A 155 -8.37 11.25 3.20
N ASN A 156 -8.34 12.56 3.42
CA ASN A 156 -7.37 13.20 4.31
C ASN A 156 -7.45 12.58 5.73
N ALA A 157 -8.66 12.42 6.24
CA ALA A 157 -8.86 11.77 7.58
C ALA A 157 -8.20 10.42 7.58
N SER A 158 -8.48 9.61 6.55
CA SER A 158 -8.01 8.23 6.48
C SER A 158 -6.48 8.20 6.42
N LYS A 159 -5.88 9.12 5.64
CA LYS A 159 -4.44 9.10 5.40
C LYS A 159 -3.66 9.67 6.60
N GLY A 160 -4.23 10.66 7.28
CA GLY A 160 -3.62 11.11 8.53
C GLY A 160 -3.67 10.03 9.62
N ALA A 161 -4.77 9.30 9.63
CA ALA A 161 -4.90 8.20 10.59
C ALA A 161 -3.86 7.13 10.39
N VAL A 162 -3.75 6.69 9.14
CA VAL A 162 -2.77 5.63 8.79
C VAL A 162 -1.36 6.09 9.16
N ARG A 163 -1.05 7.37 8.90
CA ARG A 163 0.27 7.95 9.10
C ARG A 163 0.69 7.77 10.57
N ILE A 164 -0.21 8.12 11.48
CA ILE A 164 0.15 8.09 12.91
C ILE A 164 -0.13 6.73 13.56
N MET A 165 -1.17 6.04 13.15
CA MET A 165 -1.37 4.66 13.63
C MET A 165 -0.13 3.77 13.32
N SER A 166 0.48 3.98 12.15
CA SER A 166 1.65 3.19 11.72
C SER A 166 2.80 3.44 12.69
N LYS A 167 2.99 4.69 13.13
CA LYS A 167 3.97 5.00 14.17
C LYS A 167 3.74 4.22 15.46
N SER A 168 2.49 4.18 15.94
CA SER A 168 2.12 3.41 17.13
C SER A 168 2.59 1.96 16.97
N ALA A 169 2.18 1.35 15.86
CA ALA A 169 2.54 -0.05 15.59
C ALA A 169 4.01 -0.26 15.46
N ALA A 170 4.72 0.65 14.78
CA ALA A 170 6.16 0.55 14.72
C ALA A 170 6.80 0.54 16.09
N LEU A 171 6.40 1.49 16.92
CA LEU A 171 6.95 1.59 18.27
C LEU A 171 6.72 0.30 19.11
N ASP A 172 5.51 -0.21 19.12
CA ASP A 172 5.21 -1.38 19.94
C ASP A 172 6.05 -2.56 19.42
N CYS A 173 6.13 -2.70 18.10
CA CYS A 173 6.94 -3.76 17.53
C CYS A 173 8.41 -3.66 17.89
N ALA A 174 8.95 -2.45 17.88
CA ALA A 174 10.33 -2.20 18.17
C ALA A 174 10.61 -2.52 19.67
N LEU A 175 9.77 -1.97 20.53
CA LEU A 175 9.92 -2.11 21.98
C LEU A 175 9.82 -3.57 22.44
N LYS A 176 9.01 -4.34 21.76
CA LYS A 176 8.79 -5.77 22.07
C LYS A 176 9.70 -6.75 21.33
N ASP A 177 10.58 -6.23 20.48
CA ASP A 177 11.55 -7.02 19.77
C ASP A 177 10.87 -8.05 18.87
N TYR A 178 9.79 -7.60 18.24
CA TYR A 178 8.98 -8.47 17.39
C TYR A 178 9.62 -8.82 16.05
N ASP A 179 10.66 -8.11 15.63
CA ASP A 179 11.22 -8.25 14.26
C ASP A 179 10.15 -7.96 13.18
N VAL A 180 9.38 -6.90 13.45
CA VAL A 180 8.44 -6.34 12.50
C VAL A 180 8.64 -4.84 12.48
N ARG A 181 8.83 -4.28 11.30
CA ARG A 181 8.90 -2.84 11.08
C ARG A 181 7.64 -2.35 10.43
N VAL A 182 7.24 -1.09 10.70
CA VAL A 182 6.04 -0.53 10.11
C VAL A 182 6.42 0.88 9.65
N ASN A 183 6.19 1.15 8.37
CA ASN A 183 6.50 2.48 7.80
C ASN A 183 5.43 2.86 6.80
N THR A 184 5.35 4.16 6.45
CA THR A 184 4.41 4.61 5.49
C THR A 184 5.08 5.18 4.24
N VAL A 185 4.42 4.97 3.11
CA VAL A 185 4.82 5.52 1.82
C VAL A 185 3.77 6.53 1.44
N HIS A 186 4.24 7.68 0.92
CA HIS A 186 3.42 8.85 0.60
C HIS A 186 3.59 9.26 -0.88
N PRO A 187 2.87 8.60 -1.82
CA PRO A 187 2.95 9.01 -3.23
C PRO A 187 2.33 10.38 -3.47
N GLY A 188 2.96 11.17 -4.31
CA GLY A 188 2.28 12.24 -5.00
C GLY A 188 1.49 11.61 -6.14
N TYR A 189 1.15 12.42 -7.13
CA TYR A 189 0.31 11.99 -8.21
C TYR A 189 1.11 11.08 -9.11
N ILE A 190 0.49 9.97 -9.52
CA ILE A 190 1.12 8.92 -10.28
C ILE A 190 0.23 8.63 -11.46
N LYS A 191 0.84 8.53 -12.64
CA LYS A 191 0.15 8.20 -13.88
C LYS A 191 -0.25 6.74 -13.94
N THR A 192 -1.55 6.51 -14.05
CA THR A 192 -2.09 5.15 -14.30
C THR A 192 -3.16 5.21 -15.37
N PRO A 193 -3.60 4.06 -15.87
CA PRO A 193 -4.81 4.05 -16.71
C PRO A 193 -5.99 4.80 -16.14
N LEU A 194 -6.27 4.70 -14.84
CA LEU A 194 -7.38 5.44 -14.25
C LEU A 194 -7.24 6.96 -14.33
N VAL A 195 -6.04 7.46 -14.00
CA VAL A 195 -5.77 8.89 -14.19
C VAL A 195 -5.92 9.24 -15.67
N ASP A 196 -5.47 8.36 -16.58
CA ASP A 196 -5.55 8.63 -18.02
C ASP A 196 -6.99 8.76 -18.49
N ASP A 197 -7.87 8.07 -17.80
CA ASP A 197 -9.28 8.07 -18.17
C ASP A 197 -10.01 9.31 -17.62
N LEU A 198 -9.35 10.09 -16.78
CA LEU A 198 -9.96 11.29 -16.23
C LEU A 198 -9.46 12.48 -17.01
N PRO A 199 -10.29 13.02 -17.88
CA PRO A 199 -9.82 14.05 -18.78
C PRO A 199 -9.38 15.27 -18.02
N GLY A 200 -8.19 15.75 -18.36
CA GLY A 200 -7.65 16.95 -17.74
C GLY A 200 -6.87 16.67 -16.46
N ALA A 201 -7.01 15.46 -15.89
CA ALA A 201 -6.46 15.20 -14.54
C ALA A 201 -4.94 15.31 -14.50
N GLU A 202 -4.26 14.61 -15.39
CA GLU A 202 -2.76 14.60 -15.39
C GLU A 202 -2.23 16.01 -15.62
N GLU A 203 -2.87 16.75 -16.53
CA GLU A 203 -2.44 18.13 -16.80
C GLU A 203 -2.60 19.03 -15.59
N ALA A 204 -3.75 18.89 -14.90
CA ALA A 204 -4.00 19.67 -13.68
C ALA A 204 -2.97 19.32 -12.64
N MET A 205 -2.66 18.03 -12.51
CA MET A 205 -1.70 17.61 -11.43
C MET A 205 -0.26 17.98 -11.78
N SER A 206 0.03 18.24 -13.05
CA SER A 206 1.35 18.54 -13.53
C SER A 206 1.67 20.05 -13.55
N GLN A 207 0.69 20.89 -13.24
CA GLN A 207 0.93 22.35 -13.13
C GLN A 207 1.93 22.56 -12.00
N ARG A 208 2.85 23.50 -12.19
CA ARG A 208 3.98 23.66 -11.20
C ARG A 208 3.50 24.01 -9.80
N THR A 209 2.33 24.67 -9.71
CA THR A 209 1.67 24.93 -8.47
C THR A 209 1.17 23.71 -7.75
N LYS A 210 1.12 22.57 -8.43
CA LYS A 210 0.74 21.32 -7.83
C LYS A 210 2.03 20.46 -7.72
N THR A 211 2.56 19.99 -8.84
CA THR A 211 3.79 19.17 -8.80
C THR A 211 4.94 19.95 -9.39
N PRO A 212 5.89 20.42 -8.58
CA PRO A 212 6.97 21.25 -9.14
C PRO A 212 7.83 20.65 -10.31
N MET A 213 7.94 19.34 -10.37
CA MET A 213 8.63 18.69 -11.51
C MET A 213 7.89 18.94 -12.83
N GLY A 214 6.65 19.38 -12.79
CA GLY A 214 5.90 19.68 -14.02
C GLY A 214 5.33 18.47 -14.75
N HIS A 215 5.31 17.33 -14.08
CA HIS A 215 4.81 16.10 -14.62
C HIS A 215 4.50 15.22 -13.39
N ILE A 216 3.74 14.16 -13.60
CA ILE A 216 3.42 13.24 -12.48
C ILE A 216 4.30 12.01 -12.60
N GLY A 217 4.25 11.14 -11.60
CA GLY A 217 5.18 10.04 -11.56
C GLY A 217 4.57 8.82 -12.27
N GLU A 218 5.19 7.66 -12.07
CA GLU A 218 4.77 6.40 -12.73
C GLU A 218 4.76 5.32 -11.68
N PRO A 219 4.02 4.24 -11.88
CA PRO A 219 3.89 3.21 -10.83
C PRO A 219 5.19 2.69 -10.22
N ASN A 220 6.21 2.53 -11.04
CA ASN A 220 7.52 2.04 -10.62
C ASN A 220 8.18 2.96 -9.60
N ASP A 221 7.82 4.23 -9.59
CA ASP A 221 8.37 5.19 -8.62
C ASP A 221 7.94 4.73 -7.22
N ILE A 222 6.75 4.22 -7.12
CA ILE A 222 6.31 3.76 -5.84
C ILE A 222 6.84 2.33 -5.56
N ALA A 223 6.93 1.48 -6.58
CA ALA A 223 7.45 0.14 -6.44
C ALA A 223 8.84 0.17 -5.82
N TYR A 224 9.74 1.03 -6.30
CA TYR A 224 11.13 1.03 -5.84
C TYR A 224 11.30 1.40 -4.38
N ILE A 225 10.54 2.38 -3.87
CA ILE A 225 10.63 2.68 -2.46
C ILE A 225 10.07 1.49 -1.62
N CYS A 226 9.04 0.81 -2.13
CA CYS A 226 8.52 -0.37 -1.46
C CYS A 226 9.55 -1.50 -1.41
N VAL A 227 10.30 -1.71 -2.48
CA VAL A 227 11.34 -2.73 -2.45
C VAL A 227 12.32 -2.45 -1.30
N TYR A 228 12.80 -1.22 -1.23
CA TYR A 228 13.72 -0.79 -0.18
C TYR A 228 13.13 -1.09 1.19
N LEU A 229 11.86 -0.71 1.40
CA LEU A 229 11.25 -0.92 2.71
C LEU A 229 10.94 -2.39 3.05
N ALA A 230 10.62 -3.23 2.04
CA ALA A 230 10.42 -4.66 2.26
C ALA A 230 11.72 -5.40 2.51
N SER A 231 12.82 -4.88 1.97
CA SER A 231 14.13 -5.56 2.01
C SER A 231 14.75 -5.36 3.36
N ASN A 232 15.73 -6.20 3.71
CA ASN A 232 16.52 -6.00 4.95
C ASN A 232 17.45 -4.83 4.89
N GLU A 233 17.59 -4.21 3.72
CA GLU A 233 18.35 -2.98 3.58
C GLU A 233 17.87 -1.90 4.52
N SER A 234 16.56 -1.96 4.82
CA SER A 234 15.90 -0.94 5.63
C SER A 234 15.67 -1.39 7.09
N LYS A 235 16.53 -2.31 7.57
CA LYS A 235 16.27 -2.97 8.86
C LYS A 235 16.30 -2.02 10.08
N PHE A 236 16.80 -0.79 9.91
CA PHE A 236 16.79 0.20 11.01
C PHE A 236 15.78 1.28 10.76
N ALA A 237 14.98 1.18 9.69
CA ALA A 237 13.88 2.14 9.42
C ALA A 237 12.55 1.62 9.95
N THR A 238 12.00 2.30 10.93
CA THR A 238 10.66 1.97 11.40
C THR A 238 9.99 3.26 11.92
N GLY A 239 8.68 3.35 11.77
CA GLY A 239 7.99 4.52 12.29
C GLY A 239 8.15 5.80 11.45
N SER A 240 8.58 5.66 10.19
CA SER A 240 8.95 6.77 9.35
C SER A 240 8.08 6.83 8.11
N GLU A 241 8.04 8.05 7.54
CA GLU A 241 7.24 8.36 6.35
C GLU A 241 8.20 8.58 5.17
N PHE A 242 7.96 7.92 4.05
CA PHE A 242 8.82 7.98 2.87
C PHE A 242 7.96 8.57 1.73
N VAL A 243 8.36 9.76 1.26
CA VAL A 243 7.53 10.58 0.39
C VAL A 243 8.18 10.57 -0.99
N VAL A 244 7.38 10.31 -2.03
CA VAL A 244 7.85 10.29 -3.40
C VAL A 244 6.79 11.07 -4.22
N ASP A 245 6.98 12.38 -4.32
CA ASP A 245 5.87 13.25 -4.73
C ASP A 245 6.18 14.33 -5.75
N GLY A 246 7.39 14.26 -6.36
CA GLY A 246 7.79 15.27 -7.33
C GLY A 246 7.88 16.70 -6.83
N GLY A 247 8.05 16.85 -5.49
CA GLY A 247 8.11 18.14 -4.85
C GLY A 247 6.82 18.72 -4.27
N TYR A 248 5.75 17.99 -4.42
CA TYR A 248 4.40 18.50 -4.13
C TYR A 248 4.32 19.08 -2.71
N THR A 249 4.85 18.35 -1.72
CA THR A 249 4.79 18.82 -0.32
C THR A 249 5.97 19.64 0.13
N ALA A 250 6.93 19.89 -0.75
CA ALA A 250 8.11 20.68 -0.40
C ALA A 250 7.85 22.17 -0.50
N GLN A 251 6.79 22.58 -1.19
CA GLN A 251 6.40 24.00 -1.34
C GLN A 251 5.09 24.23 -0.58
MG MG B . 2.35 23.11 0.38
PA NAD C . -5.55 2.50 -8.82
O1A NAD C . -6.19 3.89 -8.73
O2A NAD C . -4.85 2.37 -10.19
O5B NAD C . -6.59 1.41 -8.55
C5B NAD C . -7.09 1.31 -7.20
C4B NAD C . -6.36 0.21 -6.42
O4B NAD C . -6.98 -0.10 -5.13
C3B NAD C . -6.42 -1.07 -7.24
O3B NAD C . -5.11 -1.61 -7.31
C2B NAD C . -7.44 -2.00 -6.55
O2B NAD C . -6.95 -3.35 -6.71
C1B NAD C . -7.50 -1.44 -5.09
N9A NAD C . -8.73 -1.40 -4.26
C8A NAD C . -9.68 -0.43 -4.11
N7A NAD C . -10.60 -0.81 -3.15
C5A NAD C . -10.22 -2.01 -2.66
C6A NAD C . -10.66 -3.00 -1.62
N6A NAD C . -11.80 -2.76 -0.87
N1A NAD C . -9.95 -4.13 -1.42
C2A NAD C . -8.82 -4.46 -2.13
N3A NAD C . -8.36 -3.61 -3.11
C4A NAD C . -8.98 -2.41 -3.39
O3 NAD C . -4.71 2.34 -7.48
PN NAD C . -3.22 2.01 -7.14
O1N NAD C . -2.64 2.80 -8.34
O2N NAD C . -2.89 0.40 -6.85
O5D NAD C . -3.03 2.93 -5.87
C5D NAD C . -2.36 2.58 -4.64
C4D NAD C . -2.46 3.50 -3.38
O4D NAD C . -1.90 4.81 -3.60
C3D NAD C . -3.88 3.78 -2.82
O3D NAD C . -3.96 3.64 -1.38
C2D NAD C . -4.26 5.22 -3.23
O2D NAD C . -5.17 5.65 -2.13
C1D NAD C . -2.84 5.90 -3.45
N1N NAD C . -2.55 6.97 -4.49
C2N NAD C . -2.69 6.88 -5.82
C3N NAD C . -2.32 7.99 -6.65
C7N NAD C . -2.48 8.00 -8.17
O7N NAD C . -2.17 9.03 -8.81
N7N NAD C . -2.95 6.90 -8.77
C4N NAD C . -1.82 9.18 -6.10
C5N NAD C . -1.69 9.28 -4.74
C6N NAD C . -2.03 8.13 -4.00
O1 AC0 D . -6.34 11.09 -3.60
C7 AC0 D . -5.83 11.40 -4.61
C8 AC0 D . -4.32 11.56 -4.59
C1 AC0 D . -6.88 11.48 -5.71
C2 AC0 D . -8.20 11.22 -5.37
C3 AC0 D . -9.24 11.31 -6.31
C4 AC0 D . -8.97 11.64 -7.63
C5 AC0 D . -7.65 11.91 -8.00
C6 AC0 D . -6.63 11.82 -7.04
#